data_966C
#
_entry.id   966C
#
_cell.length_a   38.480
_cell.length_b   56.520
_cell.length_c   74.230
_cell.angle_alpha   90.00
_cell.angle_beta   90.00
_cell.angle_gamma   90.00
#
_symmetry.space_group_name_H-M   'P 21 21 21'
#
loop_
_entity.id
_entity.type
_entity.pdbx_description
1 polymer MMP-1
2 non-polymer 'ZINC ION'
3 non-polymer 'CALCIUM ION'
4 non-polymer N-HYDROXY-2-[4-(4-PHENOXY-BENZENESULFONYL)-TETRAHYDRO-PYRAN-4-YL]-ACETAMIDE
5 water water
#
_entity_poly.entity_id   1
_entity_poly.type   'polypeptide(L)'
_entity_poly.pdbx_seq_one_letter_code
;RWEQTHLTYRIENYTPDLPRADVDHAIEKAFQLWSNVTPLTFTKVSEGQADIMISFVRGDHRDNSPFDGPGGNLAHAFQP
GPGIGGDAHFDEDERWTNNFREYNLHRVAAHELGHSLGLSHSTDIGALMYPSYTFSGDVQLAQDDIDGIQAIYGRSQ
;
_entity_poly.pdbx_strand_id   A
#
# COMPACT_ATOMS: atom_id res chain seq x y z
N ARG A 1 -14.68 4.08 3.37
CA ARG A 1 -14.61 3.64 1.94
C ARG A 1 -14.74 4.75 0.90
N TRP A 2 -14.36 4.43 -0.32
CA TRP A 2 -14.45 5.42 -1.39
C TRP A 2 -15.76 5.36 -2.16
N GLU A 3 -16.34 6.53 -2.45
CA GLU A 3 -17.57 6.66 -3.25
C GLU A 3 -17.29 6.11 -4.64
N GLN A 4 -16.33 6.71 -5.34
CA GLN A 4 -16.01 6.31 -6.72
C GLN A 4 -15.03 5.17 -6.80
N THR A 5 -15.35 4.19 -7.65
CA THR A 5 -14.49 3.05 -7.83
C THR A 5 -13.28 3.35 -8.74
N HIS A 6 -13.25 4.57 -9.26
CA HIS A 6 -12.19 5.07 -10.16
C HIS A 6 -11.26 5.98 -9.34
N LEU A 7 -10.10 5.47 -8.94
CA LEU A 7 -9.19 6.25 -8.12
C LEU A 7 -7.80 6.56 -8.69
N THR A 8 -7.32 7.75 -8.42
CA THR A 8 -5.99 8.14 -8.83
C THR A 8 -5.03 8.02 -7.67
N TYR A 9 -3.76 7.69 -7.99
CA TYR A 9 -2.63 7.57 -7.05
C TYR A 9 -1.37 8.18 -7.69
N ARG A 10 -0.41 8.60 -6.87
CA ARG A 10 0.81 9.23 -7.40
C ARG A 10 2.05 9.09 -6.51
N ILE A 11 3.08 8.43 -7.02
CA ILE A 11 4.32 8.27 -6.29
C ILE A 11 4.89 9.70 -6.19
N GLU A 12 4.71 10.37 -5.03
CA GLU A 12 5.22 11.73 -4.91
C GLU A 12 6.77 11.83 -5.00
N ASN A 13 7.48 11.00 -4.24
CA ASN A 13 8.93 10.93 -4.27
C ASN A 13 9.30 9.44 -4.33
N TYR A 14 10.54 9.14 -4.68
CA TYR A 14 10.97 7.73 -4.81
C TYR A 14 12.14 7.40 -3.91
N THR A 15 12.12 6.21 -3.33
CA THR A 15 13.22 5.81 -2.50
C THR A 15 14.37 5.49 -3.43
N PRO A 16 15.55 6.11 -3.21
CA PRO A 16 16.73 5.86 -4.03
C PRO A 16 17.17 4.39 -3.84
N ASP A 17 16.67 3.77 -2.77
CA ASP A 17 16.95 2.37 -2.43
C ASP A 17 16.81 1.48 -3.65
N LEU A 18 15.93 1.85 -4.56
CA LEU A 18 15.71 1.07 -5.76
C LEU A 18 15.71 1.98 -6.96
N PRO A 19 15.88 1.41 -8.16
CA PRO A 19 15.88 2.18 -9.40
C PRO A 19 14.40 2.49 -9.45
N ARG A 20 14.00 3.72 -9.79
CA ARG A 20 12.57 4.08 -9.81
C ARG A 20 11.60 3.19 -10.58
N ALA A 21 12.10 2.51 -11.61
CA ALA A 21 11.22 1.65 -12.39
C ALA A 21 10.70 0.52 -11.53
N ASP A 22 11.59 -0.14 -10.78
CA ASP A 22 11.18 -1.23 -9.91
C ASP A 22 10.20 -0.66 -8.87
N VAL A 23 10.41 0.59 -8.49
CA VAL A 23 9.54 1.26 -7.51
C VAL A 23 8.14 1.32 -8.12
N ASP A 24 8.03 1.77 -9.37
CA ASP A 24 6.71 1.83 -10.06
C ASP A 24 6.15 0.40 -10.18
N HIS A 25 7.02 -0.56 -10.43
CA HIS A 25 6.60 -1.93 -10.60
C HIS A 25 5.96 -2.44 -9.33
N ALA A 26 6.64 -2.28 -8.21
CA ALA A 26 6.15 -2.75 -6.92
C ALA A 26 4.82 -2.07 -6.55
N ILE A 27 4.65 -0.84 -6.96
CA ILE A 27 3.40 -0.08 -6.68
C ILE A 27 2.21 -0.56 -7.53
N GLU A 28 2.38 -0.48 -8.84
CA GLU A 28 1.37 -0.86 -9.81
C GLU A 28 0.97 -2.30 -9.51
N LYS A 29 1.98 -3.14 -9.22
CA LYS A 29 1.79 -4.57 -8.91
C LYS A 29 0.97 -4.68 -7.60
N ALA A 30 1.15 -3.71 -6.70
CA ALA A 30 0.40 -3.67 -5.44
C ALA A 30 -1.07 -3.35 -5.76
N PHE A 31 -1.28 -2.28 -6.56
CA PHE A 31 -2.62 -1.89 -6.92
C PHE A 31 -3.34 -3.00 -7.66
N GLN A 32 -2.61 -3.79 -8.47
CA GLN A 32 -3.26 -4.89 -9.24
C GLN A 32 -4.00 -5.92 -8.39
N LEU A 33 -3.40 -6.34 -7.28
CA LEU A 33 -4.03 -7.35 -6.41
C LEU A 33 -5.48 -7.01 -6.19
N TRP A 34 -5.68 -5.80 -5.63
CA TRP A 34 -6.99 -5.26 -5.30
C TRP A 34 -7.90 -5.05 -6.55
N SER A 35 -7.29 -4.59 -7.65
CA SER A 35 -8.05 -4.42 -8.90
C SER A 35 -8.47 -5.81 -9.45
N ASN A 36 -7.64 -6.82 -9.26
CA ASN A 36 -7.91 -8.18 -9.75
C ASN A 36 -9.17 -8.83 -9.16
N VAL A 37 -9.77 -8.24 -8.13
CA VAL A 37 -10.94 -8.88 -7.53
C VAL A 37 -12.13 -7.98 -7.20
N THR A 38 -11.96 -6.67 -7.40
CA THR A 38 -13.00 -5.67 -7.12
C THR A 38 -13.24 -4.79 -8.37
N PRO A 39 -14.32 -3.95 -8.38
CA PRO A 39 -14.53 -3.09 -9.55
C PRO A 39 -13.60 -1.87 -9.53
N LEU A 40 -12.71 -1.78 -8.54
CA LEU A 40 -11.79 -0.64 -8.45
C LEU A 40 -10.86 -0.50 -9.65
N THR A 41 -10.59 0.76 -10.03
CA THR A 41 -9.73 1.09 -11.15
C THR A 41 -8.77 2.15 -10.68
N PHE A 42 -7.50 2.02 -11.10
CA PHE A 42 -6.46 2.94 -10.67
C PHE A 42 -5.71 3.67 -11.76
N THR A 43 -5.58 5.00 -11.64
CA THR A 43 -4.80 5.77 -12.60
C THR A 43 -3.69 6.53 -11.82
N LYS A 44 -2.43 6.29 -12.16
CA LYS A 44 -1.36 7.03 -11.47
C LYS A 44 -1.23 8.32 -12.23
N VAL A 45 -0.99 9.40 -11.52
CA VAL A 45 -0.88 10.69 -12.17
C VAL A 45 0.48 11.21 -11.78
N SER A 46 1.12 11.92 -12.70
CA SER A 46 2.48 12.40 -12.42
C SER A 46 2.57 13.77 -11.83
N GLU A 47 1.44 14.42 -11.63
CA GLU A 47 1.50 15.75 -11.07
C GLU A 47 0.14 16.23 -10.59
N GLY A 48 0.16 16.93 -9.47
CA GLY A 48 -1.05 17.42 -8.88
C GLY A 48 -1.40 16.40 -7.80
N GLN A 49 -2.45 16.70 -7.06
CA GLN A 49 -2.88 15.85 -5.99
C GLN A 49 -3.62 14.68 -6.57
N ALA A 50 -3.52 13.54 -5.91
CA ALA A 50 -4.22 12.34 -6.37
C ALA A 50 -4.96 11.87 -5.12
N ASP A 51 -5.82 10.86 -5.23
CA ASP A 51 -6.56 10.40 -4.05
C ASP A 51 -5.62 9.68 -3.09
N ILE A 52 -4.88 8.70 -3.62
CA ILE A 52 -3.89 7.95 -2.83
C ILE A 52 -2.52 8.60 -3.02
N MET A 53 -2.05 9.31 -2.00
CA MET A 53 -0.74 9.95 -2.13
C MET A 53 0.35 9.04 -1.52
N ILE A 54 1.33 8.67 -2.33
CA ILE A 54 2.41 7.77 -1.89
C ILE A 54 3.78 8.45 -1.69
N SER A 55 4.32 8.30 -0.48
CA SER A 55 5.60 8.92 -0.18
C SER A 55 6.42 8.15 0.83
N PHE A 56 7.73 8.28 0.66
CA PHE A 56 8.74 7.64 1.50
C PHE A 56 9.31 8.79 2.36
N VAL A 57 9.30 8.61 3.68
CA VAL A 57 9.72 9.64 4.65
C VAL A 57 10.50 9.08 5.86
N ARG A 58 10.57 9.86 6.95
CA ARG A 58 11.29 9.48 8.16
C ARG A 58 10.85 10.32 9.37
N GLY A 59 11.00 9.74 10.55
CA GLY A 59 10.63 10.41 11.81
C GLY A 59 9.41 11.28 11.67
N ASP A 60 9.44 12.46 12.30
CA ASP A 60 8.34 13.43 12.23
C ASP A 60 8.32 13.76 10.75
N HIS A 61 7.17 13.64 10.12
CA HIS A 61 7.03 13.91 8.69
C HIS A 61 5.66 14.49 8.45
N ARG A 62 5.37 15.46 9.29
CA ARG A 62 4.11 16.21 9.27
C ARG A 62 3.11 15.55 10.18
N ASP A 63 2.37 14.57 9.67
CA ASP A 63 1.35 13.86 10.45
C ASP A 63 1.86 13.42 11.84
N ASN A 64 0.92 13.28 12.75
CA ASN A 64 1.15 12.91 14.15
C ASN A 64 1.44 11.41 14.34
N SER A 65 2.21 10.87 13.42
CA SER A 65 2.55 9.46 13.40
C SER A 65 3.93 9.34 12.75
N PRO A 66 4.98 9.79 13.48
CA PRO A 66 6.39 9.79 13.12
C PRO A 66 7.02 8.40 13.08
N PHE A 67 8.00 8.22 12.20
CA PHE A 67 8.66 6.93 12.12
C PHE A 67 9.79 6.85 13.14
N ASP A 68 10.14 5.61 13.45
CA ASP A 68 11.16 5.24 14.46
C ASP A 68 12.53 4.84 13.92
N GLY A 69 12.92 5.31 12.74
CA GLY A 69 14.21 4.90 12.23
C GLY A 69 14.19 3.48 11.63
N PRO A 70 15.37 2.91 11.35
CA PRO A 70 15.46 1.57 10.78
C PRO A 70 14.78 0.57 11.72
N GLY A 71 14.23 -0.48 11.15
CA GLY A 71 13.55 -1.48 11.94
C GLY A 71 12.31 -0.90 12.58
N GLY A 72 11.65 -1.73 13.36
CA GLY A 72 10.42 -1.31 14.01
C GLY A 72 9.41 -1.02 12.93
N ASN A 73 8.73 0.11 13.07
CA ASN A 73 7.72 0.50 12.12
C ASN A 73 8.20 0.72 10.70
N LEU A 74 7.54 0.01 9.77
CA LEU A 74 7.87 0.05 8.35
C LEU A 74 7.04 0.99 7.49
N ALA A 75 5.71 0.96 7.68
CA ALA A 75 4.80 1.80 6.88
C ALA A 75 3.42 1.94 7.50
N HIS A 76 2.67 2.97 7.12
CA HIS A 76 1.31 3.20 7.61
C HIS A 76 0.52 3.95 6.54
N ALA A 77 -0.73 3.54 6.33
CA ALA A 77 -1.55 4.22 5.32
C ALA A 77 -2.70 4.81 6.08
N PHE A 78 -3.50 5.65 5.40
CA PHE A 78 -4.65 6.33 6.01
C PHE A 78 -5.97 5.81 5.44
N GLN A 79 -7.00 5.69 6.27
CA GLN A 79 -8.27 5.17 5.78
C GLN A 79 -8.85 6.11 4.74
N PRO A 80 -9.76 5.61 3.89
CA PRO A 80 -10.39 6.42 2.85
C PRO A 80 -10.92 7.76 3.33
N GLY A 81 -10.47 8.79 2.63
CA GLY A 81 -10.89 10.13 2.90
C GLY A 81 -10.16 11.10 2.02
N PRO A 82 -10.57 12.38 2.01
CA PRO A 82 -9.91 13.38 1.16
C PRO A 82 -8.59 13.71 1.84
N GLY A 83 -7.84 14.64 1.22
CA GLY A 83 -6.56 15.05 1.79
C GLY A 83 -5.66 13.91 2.22
N ILE A 84 -5.44 13.79 3.53
CA ILE A 84 -4.57 12.77 4.12
C ILE A 84 -5.09 11.34 4.01
N GLY A 85 -6.42 11.24 3.93
CA GLY A 85 -7.07 9.97 3.78
C GLY A 85 -6.53 9.26 2.55
N GLY A 86 -6.56 7.94 2.62
CA GLY A 86 -6.06 7.09 1.55
C GLY A 86 -4.57 7.23 1.30
N ASP A 87 -3.89 8.16 1.97
CA ASP A 87 -2.45 8.36 1.76
C ASP A 87 -1.61 7.28 2.41
N ALA A 88 -0.52 6.91 1.77
CA ALA A 88 0.33 5.85 2.31
C ALA A 88 1.74 6.33 2.44
N HIS A 89 2.29 6.09 3.64
CA HIS A 89 3.63 6.53 3.95
C HIS A 89 4.61 5.42 4.24
N PHE A 90 5.75 5.52 3.56
CA PHE A 90 6.82 4.55 3.71
C PHE A 90 7.99 5.11 4.53
N ASP A 91 8.59 4.27 5.38
CA ASP A 91 9.72 4.66 6.23
C ASP A 91 11.08 4.56 5.51
N GLU A 92 11.60 5.71 5.04
CA GLU A 92 12.90 5.72 4.33
C GLU A 92 14.10 5.14 5.10
N ASP A 93 14.03 5.10 6.43
CA ASP A 93 15.11 4.54 7.23
C ASP A 93 15.18 3.04 7.07
N GLU A 94 14.25 2.51 6.28
CA GLU A 94 14.23 1.10 5.96
C GLU A 94 15.00 0.98 4.61
N ARG A 95 15.53 -0.21 4.37
CA ARG A 95 16.26 -0.58 3.15
C ARG A 95 15.19 -1.35 2.36
N TRP A 96 14.53 -0.62 1.46
CA TRP A 96 13.48 -1.13 0.57
C TRP A 96 14.06 -1.98 -0.55
N THR A 97 13.43 -3.13 -0.84
CA THR A 97 13.98 -4.04 -1.85
C THR A 97 12.99 -4.52 -2.93
N ASN A 98 13.53 -5.13 -3.98
CA ASN A 98 12.74 -5.73 -5.05
C ASN A 98 13.01 -7.24 -5.01
N ASN A 99 13.40 -7.77 -3.83
CA ASN A 99 13.71 -9.20 -3.71
C ASN A 99 13.43 -9.79 -2.31
N PHE A 100 13.95 -11.02 -2.07
CA PHE A 100 13.81 -11.76 -0.81
C PHE A 100 14.43 -11.11 0.42
N ARG A 101 15.40 -10.22 0.22
CA ARG A 101 16.01 -9.59 1.37
C ARG A 101 15.11 -8.53 2.02
N GLU A 102 15.16 -8.50 3.36
CA GLU A 102 14.33 -7.63 4.18
C GLU A 102 13.74 -6.30 3.79
N TYR A 103 12.43 -6.37 3.79
CA TYR A 103 11.49 -5.33 3.46
C TYR A 103 11.41 -5.14 1.97
N ASN A 104 10.61 -6.05 1.46
CA ASN A 104 10.29 -6.14 0.07
C ASN A 104 9.16 -5.13 -0.08
N LEU A 105 9.42 -4.11 -0.88
CA LEU A 105 8.46 -3.04 -1.12
C LEU A 105 7.10 -3.50 -1.55
N HIS A 106 7.08 -4.32 -2.59
CA HIS A 106 5.83 -4.81 -3.11
C HIS A 106 4.91 -5.31 -2.00
N ARG A 107 5.42 -6.27 -1.24
CA ARG A 107 4.67 -6.89 -0.15
C ARG A 107 4.06 -5.91 0.85
N VAL A 108 4.89 -5.01 1.40
CA VAL A 108 4.44 -3.99 2.34
C VAL A 108 3.41 -3.06 1.67
N ALA A 109 3.69 -2.68 0.42
CA ALA A 109 2.82 -1.75 -0.32
C ALA A 109 1.44 -2.38 -0.44
N ALA A 110 1.42 -3.65 -0.80
CA ALA A 110 0.17 -4.37 -0.98
C ALA A 110 -0.69 -4.24 0.27
N HIS A 111 -0.05 -4.47 1.41
CA HIS A 111 -0.69 -4.38 2.72
C HIS A 111 -1.22 -2.96 2.96
N GLU A 112 -0.35 -1.97 2.79
CA GLU A 112 -0.70 -0.58 2.97
C GLU A 112 -1.86 -0.14 2.13
N LEU A 113 -1.83 -0.54 0.87
CA LEU A 113 -2.89 -0.19 -0.04
C LEU A 113 -4.20 -0.77 0.47
N GLY A 114 -4.12 -1.91 1.16
CA GLY A 114 -5.30 -2.54 1.73
C GLY A 114 -5.98 -1.57 2.69
N HIS A 115 -5.20 -0.90 3.51
CA HIS A 115 -5.74 0.11 4.45
C HIS A 115 -6.28 1.32 3.65
N SER A 116 -5.50 1.77 2.65
CA SER A 116 -5.90 2.92 1.82
C SER A 116 -7.34 2.80 1.32
N LEU A 117 -7.72 1.57 1.00
CA LEU A 117 -9.02 1.19 0.49
C LEU A 117 -10.09 0.95 1.55
N GLY A 118 -9.70 1.02 2.83
CA GLY A 118 -10.67 0.85 3.90
C GLY A 118 -10.52 -0.30 4.88
N LEU A 119 -9.81 -1.34 4.46
CA LEU A 119 -9.56 -2.54 5.28
C LEU A 119 -8.83 -2.36 6.62
N SER A 120 -9.10 -3.29 7.53
CA SER A 120 -8.45 -3.34 8.85
C SER A 120 -7.52 -4.57 8.81
N HIS A 121 -6.67 -4.70 9.83
CA HIS A 121 -5.78 -5.85 9.96
C HIS A 121 -6.60 -7.13 9.97
N SER A 122 -5.96 -8.26 9.65
CA SER A 122 -6.62 -9.57 9.65
C SER A 122 -6.09 -10.50 10.76
N THR A 123 -6.94 -11.39 11.27
CA THR A 123 -6.54 -12.35 12.30
C THR A 123 -6.03 -13.65 11.61
N ASP A 124 -6.15 -13.67 10.28
CA ASP A 124 -5.75 -14.79 9.45
C ASP A 124 -4.25 -14.59 9.15
N ILE A 125 -3.42 -15.46 9.71
CA ILE A 125 -1.96 -15.41 9.55
C ILE A 125 -1.61 -15.50 8.06
N GLY A 126 -2.48 -16.14 7.30
CA GLY A 126 -2.28 -16.27 5.87
C GLY A 126 -2.79 -15.07 5.03
N ALA A 127 -3.33 -14.04 5.68
CA ALA A 127 -3.83 -12.90 4.89
C ALA A 127 -2.77 -11.82 4.78
N LEU A 128 -2.79 -11.12 3.67
CA LEU A 128 -1.87 -10.01 3.39
C LEU A 128 -2.10 -8.91 4.40
N MET A 129 -3.38 -8.73 4.78
CA MET A 129 -3.74 -7.74 5.79
C MET A 129 -3.35 -8.13 7.23
N TYR A 130 -2.61 -9.24 7.39
CA TYR A 130 -2.11 -9.67 8.72
C TYR A 130 -0.97 -8.73 9.14
N PRO A 131 -1.05 -8.18 10.37
CA PRO A 131 -0.07 -7.24 10.95
C PRO A 131 1.31 -7.75 11.40
N SER A 132 2.00 -8.46 10.51
CA SER A 132 3.35 -8.94 10.77
C SER A 132 3.96 -9.13 9.40
N TYR A 133 5.13 -8.53 9.19
CA TYR A 133 5.82 -8.65 7.92
C TYR A 133 6.41 -10.05 7.72
N THR A 134 6.14 -10.66 6.56
CA THR A 134 6.72 -11.96 6.25
C THR A 134 6.81 -11.92 4.73
N PHE A 135 7.83 -12.60 4.20
CA PHE A 135 8.04 -12.67 2.77
C PHE A 135 7.67 -14.06 2.19
N SER A 136 6.89 -14.04 1.09
CA SER A 136 6.40 -15.21 0.36
C SER A 136 6.72 -15.04 -1.11
N GLY A 137 7.42 -16.00 -1.68
CA GLY A 137 7.74 -15.98 -3.11
C GLY A 137 6.53 -15.60 -3.95
N ASP A 138 5.39 -16.28 -3.74
CA ASP A 138 4.16 -15.90 -4.45
C ASP A 138 3.47 -14.99 -3.46
N VAL A 139 2.78 -14.01 -3.97
CA VAL A 139 2.04 -13.14 -3.10
C VAL A 139 0.71 -12.81 -3.76
N GLN A 140 -0.27 -13.62 -3.37
CA GLN A 140 -1.63 -13.50 -3.78
C GLN A 140 -2.31 -13.18 -2.47
N LEU A 141 -3.58 -12.83 -2.53
CA LEU A 141 -4.33 -12.48 -1.34
C LEU A 141 -4.91 -13.77 -0.74
N ALA A 142 -5.41 -13.69 0.48
CA ALA A 142 -6.02 -14.84 1.14
C ALA A 142 -7.52 -14.72 0.90
N GLN A 143 -8.27 -15.76 1.26
CA GLN A 143 -9.73 -15.72 1.10
C GLN A 143 -10.22 -14.55 1.94
N ASP A 144 -9.56 -14.41 3.09
CA ASP A 144 -9.86 -13.35 4.04
C ASP A 144 -9.78 -11.98 3.33
N ASP A 145 -8.67 -11.71 2.64
CA ASP A 145 -8.47 -10.41 1.93
C ASP A 145 -9.60 -10.17 0.92
N ILE A 146 -9.82 -11.14 0.04
CA ILE A 146 -10.82 -11.02 -1.01
C ILE A 146 -12.16 -10.73 -0.39
N ASP A 147 -12.55 -11.59 0.56
CA ASP A 147 -13.84 -11.44 1.24
C ASP A 147 -13.91 -10.01 1.80
N GLY A 148 -12.83 -9.60 2.45
CA GLY A 148 -12.84 -8.28 3.06
C GLY A 148 -13.15 -7.13 2.11
N ILE A 149 -12.46 -7.11 0.99
CA ILE A 149 -12.61 -6.02 0.06
C ILE A 149 -13.89 -6.05 -0.78
N GLN A 150 -14.29 -7.26 -1.15
CA GLN A 150 -15.51 -7.42 -1.96
C GLN A 150 -16.77 -7.02 -1.22
N ALA A 151 -16.82 -7.14 0.09
CA ALA A 151 -18.03 -6.71 0.77
C ALA A 151 -18.09 -5.17 0.73
N ILE A 152 -16.94 -4.54 0.51
CA ILE A 152 -16.83 -3.08 0.48
C ILE A 152 -17.13 -2.47 -0.90
N TYR A 153 -16.43 -3.01 -1.90
CA TYR A 153 -16.53 -2.55 -3.28
C TYR A 153 -17.20 -3.53 -4.24
N GLY A 154 -17.65 -4.66 -3.72
CA GLY A 154 -18.27 -5.66 -4.56
C GLY A 154 -17.21 -6.47 -5.25
N ARG A 155 -17.60 -7.16 -6.30
CA ARG A 155 -16.65 -7.98 -7.01
C ARG A 155 -16.40 -7.48 -8.42
N SER A 156 -15.34 -8.00 -9.03
CA SER A 156 -14.98 -7.62 -10.39
C SER A 156 -15.84 -8.44 -11.35
N GLN A 157 -15.23 -9.36 -12.08
CA GLN A 157 -15.97 -10.20 -13.04
C GLN A 157 -16.77 -9.35 -14.03
#